data_2ZV8
#
_entry.id   2ZV8
#
_cell.length_a   127.239
_cell.length_b   127.239
_cell.length_c   54.875
_cell.angle_alpha   90.00
_cell.angle_beta   90.00
_cell.angle_gamma   120.00
#
_symmetry.space_group_name_H-M   'H 3'
#
loop_
_entity.id
_entity.type
_entity.pdbx_description
1 polymer 'Tyrosine-protein kinase Lyn'
2 non-polymer 'PHOSPHOAMINOPHOSPHONIC ACID-ADENYLATE ESTER'
3 water water
#
_entity_poly.entity_id   1
_entity_poly.type   'polypeptide(L)'
_entity_poly.pdbx_seq_one_letter_code
;GAMDPAWEIPRESIKLVKKLGAGQFGEVWMGYYNNSTKVAVKTLKPGTMSVQAFLEEANLMKTLQHDKLVRLYAVVTKEE
PIYIITEFMAKGSLLDFLKSDEGGKVLLPKLIDFSAQIAEGMAYIERKNYIHRDLRAANVLVSESLMCKIADFGLARVIE
DNEYTAREGAKFPIKWTAPEAINFGCFTIKSNVWSFGILLYEIVTYGKIPYPGRTNADVMSALSQGYRMPRMENCPDELY
DIMKMCWKEKAEERPTFDYLQSVLDDFYTATEGQYQQQP
;
_entity_poly.pdbx_strand_id   A
#
loop_
_chem_comp.id
_chem_comp.type
_chem_comp.name
_chem_comp.formula
ANP non-polymer 'PHOSPHOAMINOPHOSPHONIC ACID-ADENYLATE ESTER' 'C10 H17 N6 O12 P3'
#
# COMPACT_ATOMS: atom_id res chain seq x y z
N PRO A 5 14.69 15.73 -15.28
CA PRO A 5 14.28 16.87 -14.44
C PRO A 5 15.36 17.25 -13.44
N ALA A 6 14.95 17.84 -12.33
CA ALA A 6 15.84 18.01 -11.18
C ALA A 6 15.59 16.90 -10.15
N TRP A 7 15.30 15.70 -10.66
CA TRP A 7 15.13 14.49 -9.85
C TRP A 7 16.27 13.52 -10.11
N GLU A 8 17.04 13.78 -11.17
CA GLU A 8 18.19 12.97 -11.53
C GLU A 8 19.37 13.26 -10.61
N ILE A 9 20.05 12.19 -10.20
CA ILE A 9 21.30 12.28 -9.43
C ILE A 9 22.31 11.32 -10.05
N PRO A 10 23.63 11.59 -9.90
CA PRO A 10 24.62 10.64 -10.41
C PRO A 10 24.62 9.32 -9.63
N ARG A 11 24.85 8.22 -10.33
CA ARG A 11 24.93 6.90 -9.70
C ARG A 11 25.93 6.86 -8.53
N GLU A 12 26.99 7.67 -8.64
CA GLU A 12 28.10 7.70 -7.67
C GLU A 12 27.63 8.18 -6.29
N SER A 13 26.58 9.00 -6.28
CA SER A 13 26.07 9.58 -5.04
C SER A 13 25.15 8.63 -4.27
N ILE A 14 25.10 7.36 -4.66
CA ILE A 14 24.42 6.36 -3.83
C ILE A 14 25.25 5.08 -3.68
N LYS A 15 25.28 4.56 -2.45
CA LYS A 15 25.93 3.30 -2.15
C LYS A 15 24.89 2.29 -1.66
N LEU A 16 24.78 1.16 -2.36
CA LEU A 16 23.86 0.08 -1.96
C LEU A 16 24.57 -0.88 -1.01
N VAL A 17 23.97 -1.14 0.14
CA VAL A 17 24.60 -1.93 1.19
C VAL A 17 24.00 -3.34 1.34
N LYS A 18 22.71 -3.41 1.68
CA LYS A 18 22.04 -4.68 1.96
C LYS A 18 20.83 -4.91 1.08
N LYS A 19 20.73 -6.11 0.51
CA LYS A 19 19.60 -6.52 -0.32
C LYS A 19 18.40 -6.86 0.55
N LEU A 20 17.23 -6.35 0.16
CA LEU A 20 15.99 -6.53 0.94
C LEU A 20 14.99 -7.48 0.27
N GLY A 21 14.87 -7.39 -1.06
CA GLY A 21 13.92 -8.21 -1.80
C GLY A 21 14.35 -8.57 -3.20
N ALA A 22 13.72 -9.60 -3.76
CA ALA A 22 13.97 -10.03 -5.14
C ALA A 22 12.75 -9.71 -6.02
N GLY A 23 12.34 -10.68 -6.84
CA GLY A 23 11.21 -10.49 -7.74
C GLY A 23 11.61 -10.46 -9.20
N GLN A 24 10.63 -10.66 -10.09
CA GLN A 24 10.88 -10.73 -11.53
C GLN A 24 11.29 -9.38 -12.12
N PHE A 25 10.80 -8.29 -11.55
CA PHE A 25 11.02 -6.95 -12.11
C PHE A 25 12.24 -6.22 -11.55
N GLY A 26 12.95 -6.87 -10.63
CA GLY A 26 14.17 -6.30 -10.07
C GLY A 26 14.34 -6.51 -8.57
N GLU A 27 15.19 -5.70 -7.96
CA GLU A 27 15.53 -5.85 -6.54
C GLU A 27 15.26 -4.58 -5.74
N VAL A 28 15.25 -4.71 -4.41
CA VAL A 28 15.18 -3.56 -3.51
C VAL A 28 16.34 -3.61 -2.52
N TRP A 29 17.05 -2.49 -2.37
CA TRP A 29 18.25 -2.41 -1.52
C TRP A 29 18.19 -1.26 -0.51
N MET A 30 18.69 -1.51 0.69
CA MET A 30 19.01 -0.44 1.63
C MET A 30 20.29 0.22 1.14
N GLY A 31 20.38 1.54 1.28
CA GLY A 31 21.54 2.29 0.81
C GLY A 31 21.71 3.65 1.43
N TYR A 32 22.65 4.43 0.89
CA TYR A 32 22.91 5.79 1.36
C TYR A 32 23.11 6.76 0.19
N TYR A 33 22.38 7.87 0.21
CA TYR A 33 22.61 8.95 -0.76
C TYR A 33 23.77 9.82 -0.25
N ASN A 34 24.90 9.75 -0.94
CA ASN A 34 26.15 10.29 -0.45
C ASN A 34 26.26 10.19 1.07
N ASN A 35 26.31 8.96 1.58
CA ASN A 35 26.76 8.70 2.94
C ASN A 35 25.81 9.23 4.02
N SER A 36 25.31 10.44 3.81
CA SER A 36 24.60 11.21 4.84
C SER A 36 23.19 10.70 5.15
N THR A 37 22.46 10.30 4.12
CA THR A 37 21.03 10.01 4.22
C THR A 37 20.69 8.56 3.88
N LYS A 38 19.94 7.90 4.75
CA LYS A 38 19.53 6.51 4.55
C LYS A 38 18.38 6.45 3.56
N VAL A 39 18.52 5.62 2.54
CA VAL A 39 17.55 5.53 1.45
C VAL A 39 17.22 4.08 1.07
N ALA A 40 16.11 3.89 0.37
CA ALA A 40 15.77 2.62 -0.25
C ALA A 40 15.97 2.74 -1.76
N VAL A 41 16.58 1.73 -2.37
CA VAL A 41 16.85 1.75 -3.80
C VAL A 41 16.10 0.63 -4.49
N LYS A 42 15.13 0.99 -5.33
CA LYS A 42 14.44 0.00 -6.15
C LYS A 42 15.17 -0.18 -7.47
N THR A 43 15.58 -1.41 -7.75
CA THR A 43 16.37 -1.72 -8.94
C THR A 43 15.55 -2.41 -10.02
N LEU A 44 15.64 -1.91 -11.25
CA LEU A 44 15.00 -2.53 -12.40
C LEU A 44 15.91 -3.56 -13.06
N LYS A 45 15.44 -4.80 -13.14
CA LYS A 45 16.16 -5.85 -13.87
C LYS A 45 15.98 -5.58 -15.37
N PRO A 46 17.07 -5.15 -16.05
CA PRO A 46 16.93 -4.69 -17.42
C PRO A 46 16.38 -5.79 -18.32
N GLY A 47 15.41 -5.42 -19.16
CA GLY A 47 14.79 -6.36 -20.08
C GLY A 47 13.40 -6.79 -19.65
N THR A 48 13.16 -6.79 -18.33
CA THR A 48 11.87 -7.22 -17.77
C THR A 48 10.76 -6.23 -18.08
N MET A 49 10.66 -5.18 -17.26
CA MET A 49 9.76 -4.06 -17.52
C MET A 49 10.37 -3.15 -18.57
N SER A 50 9.53 -2.33 -19.18
CA SER A 50 10.01 -1.16 -19.90
C SER A 50 10.63 -0.20 -18.90
N VAL A 51 11.55 0.64 -19.35
CA VAL A 51 12.13 1.67 -18.50
C VAL A 51 11.08 2.76 -18.22
N GLN A 52 10.27 3.08 -19.23
CA GLN A 52 9.22 4.08 -19.06
C GLN A 52 8.13 3.62 -18.09
N ALA A 53 7.78 2.33 -18.16
CA ALA A 53 6.78 1.75 -17.29
C ALA A 53 7.28 1.66 -15.86
N PHE A 54 8.55 1.30 -15.69
CA PHE A 54 9.16 1.18 -14.37
C PHE A 54 9.23 2.53 -13.66
N LEU A 55 9.43 3.59 -14.43
CA LEU A 55 9.55 4.95 -13.90
C LEU A 55 8.21 5.66 -13.73
N GLU A 56 7.14 5.06 -14.25
CA GLU A 56 5.80 5.63 -14.12
C GLU A 56 5.42 5.79 -12.65
N GLU A 57 5.88 4.84 -11.83
CA GLU A 57 5.70 4.89 -10.39
C GLU A 57 6.38 6.12 -9.80
N ALA A 58 7.61 6.39 -10.24
CA ALA A 58 8.35 7.57 -9.79
C ALA A 58 7.66 8.84 -10.26
N ASN A 59 7.34 8.90 -11.56
CA ASN A 59 6.65 10.07 -12.14
C ASN A 59 5.43 10.45 -11.32
N LEU A 60 4.64 9.43 -10.97
CA LEU A 60 3.48 9.57 -10.10
C LEU A 60 3.82 10.19 -8.74
N MET A 61 4.86 9.67 -8.08
CA MET A 61 5.29 10.15 -6.75
C MET A 61 5.76 11.60 -6.72
N LYS A 62 6.31 12.09 -7.84
CA LYS A 62 6.66 13.50 -8.01
C LYS A 62 5.49 14.43 -7.67
N THR A 63 4.28 13.93 -7.88
CA THR A 63 3.06 14.69 -7.64
C THR A 63 2.46 14.41 -6.27
N LEU A 64 2.74 13.20 -5.74
CA LEU A 64 2.13 12.76 -4.49
C LEU A 64 3.09 12.89 -3.31
N GLN A 65 2.98 14.02 -2.60
CA GLN A 65 3.89 14.33 -1.51
C GLN A 65 3.14 14.71 -0.22
N HIS A 66 3.12 13.76 0.71
CA HIS A 66 2.41 13.85 1.98
C HIS A 66 3.17 12.98 2.97
N ASP A 67 2.99 13.26 4.26
CA ASP A 67 3.72 12.60 5.34
C ASP A 67 3.42 11.11 5.51
N LYS A 68 2.18 10.71 5.20
CA LYS A 68 1.76 9.33 5.32
C LYS A 68 1.88 8.56 3.99
N LEU A 69 2.76 9.06 3.14
CA LEU A 69 3.10 8.45 1.87
C LEU A 69 4.61 8.49 1.71
N VAL A 70 5.21 7.32 1.49
CA VAL A 70 6.64 7.21 1.22
C VAL A 70 7.01 8.21 0.13
N ARG A 71 7.98 9.06 0.45
CA ARG A 71 8.42 10.12 -0.46
C ARG A 71 9.50 9.60 -1.40
N LEU A 72 9.46 10.08 -2.64
CA LEU A 72 10.54 9.86 -3.59
C LEU A 72 11.63 10.88 -3.29
N TYR A 73 12.89 10.44 -3.32
CA TYR A 73 14.00 11.38 -3.15
C TYR A 73 14.65 11.75 -4.48
N ALA A 74 14.86 10.75 -5.34
CA ALA A 74 15.57 10.95 -6.61
C ALA A 74 15.53 9.70 -7.50
N VAL A 75 16.09 9.82 -8.70
CA VAL A 75 16.23 8.70 -9.64
C VAL A 75 17.62 8.67 -10.30
N VAL A 76 17.99 7.49 -10.78
CA VAL A 76 19.17 7.32 -11.64
C VAL A 76 18.70 6.62 -12.92
N THR A 77 18.65 7.38 -14.01
CA THR A 77 18.04 6.89 -15.25
C THR A 77 18.98 6.96 -16.46
N LYS A 78 20.10 7.68 -16.31
CA LYS A 78 21.06 7.91 -17.39
C LYS A 78 21.77 6.64 -17.86
N GLU A 79 22.00 5.70 -16.94
CA GLU A 79 22.77 4.50 -17.23
C GLU A 79 21.93 3.24 -17.03
N GLU A 80 22.29 2.18 -17.75
CA GLU A 80 21.49 0.94 -17.86
C GLU A 80 20.71 0.43 -16.63
N PRO A 81 21.41 0.19 -15.48
CA PRO A 81 20.63 -0.21 -14.28
C PRO A 81 19.90 0.99 -13.65
N ILE A 82 18.60 1.11 -13.92
CA ILE A 82 17.79 2.24 -13.44
C ILE A 82 17.39 2.08 -11.96
N TYR A 83 17.55 3.15 -11.18
CA TYR A 83 17.21 3.16 -9.75
C TYR A 83 16.04 4.08 -9.42
N ILE A 84 15.23 3.67 -8.45
CA ILE A 84 14.23 4.55 -7.83
C ILE A 84 14.60 4.71 -6.35
N ILE A 85 14.95 5.93 -5.97
CA ILE A 85 15.42 6.20 -4.61
C ILE A 85 14.31 6.85 -3.77
N THR A 86 13.98 6.20 -2.66
CA THR A 86 12.87 6.65 -1.80
C THR A 86 13.28 6.63 -0.33
N GLU A 87 12.43 7.22 0.52
CA GLU A 87 12.71 7.28 1.96
C GLU A 87 12.69 5.90 2.61
N PHE A 88 13.75 5.62 3.38
CA PHE A 88 13.92 4.33 4.04
C PHE A 88 12.97 4.14 5.21
N MET A 89 12.25 3.02 5.18
CA MET A 89 11.31 2.64 6.24
C MET A 89 11.84 1.42 7.00
N ALA A 90 12.32 1.66 8.22
CA ALA A 90 13.10 0.68 8.98
C ALA A 90 12.43 -0.66 9.25
N LYS A 91 11.13 -0.65 9.53
CA LYS A 91 10.42 -1.87 9.96
C LYS A 91 9.80 -2.70 8.81
N GLY A 92 10.09 -2.29 7.57
CA GLY A 92 9.61 -3.00 6.38
C GLY A 92 8.13 -2.79 6.13
N SER A 93 7.52 -3.68 5.37
CA SER A 93 6.09 -3.61 5.11
C SER A 93 5.30 -3.91 6.36
N LEU A 94 4.05 -3.43 6.41
CA LEU A 94 3.17 -3.70 7.54
C LEU A 94 2.82 -5.17 7.63
N LEU A 95 2.67 -5.83 6.49
CA LEU A 95 2.42 -7.27 6.46
C LEU A 95 3.50 -8.05 7.21
N ASP A 96 4.75 -7.83 6.84
CA ASP A 96 5.87 -8.55 7.47
C ASP A 96 5.99 -8.19 8.95
N PHE A 97 5.85 -6.90 9.24
CA PHE A 97 5.96 -6.41 10.60
C PHE A 97 4.93 -7.09 11.51
N LEU A 98 3.66 -7.08 11.09
CA LEU A 98 2.57 -7.65 11.87
C LEU A 98 2.81 -9.13 12.20
N LYS A 99 3.47 -9.84 11.29
CA LYS A 99 3.75 -11.27 11.44
C LYS A 99 5.02 -11.59 12.22
N SER A 100 5.86 -10.59 12.46
CA SER A 100 7.10 -10.81 13.20
C SER A 100 6.81 -11.00 14.70
N ASP A 101 7.82 -11.43 15.45
CA ASP A 101 7.70 -11.62 16.88
C ASP A 101 7.34 -10.31 17.56
N GLU A 102 8.00 -9.23 17.13
CA GLU A 102 7.75 -7.87 17.62
C GLU A 102 6.32 -7.40 17.32
N GLY A 103 5.88 -7.59 16.08
CA GLY A 103 4.55 -7.18 15.65
C GLY A 103 3.43 -7.98 16.29
N GLY A 104 3.68 -9.24 16.59
CA GLY A 104 2.71 -10.08 17.29
C GLY A 104 2.39 -9.55 18.68
N LYS A 105 3.29 -8.71 19.20
CA LYS A 105 3.16 -8.13 20.55
C LYS A 105 2.48 -6.75 20.57
N VAL A 106 2.29 -6.15 19.41
CA VAL A 106 1.62 -4.85 19.32
C VAL A 106 0.10 -5.00 19.56
N LEU A 107 -0.38 -4.35 20.63
CA LEU A 107 -1.78 -4.45 21.00
C LEU A 107 -2.74 -3.60 20.15
N LEU A 108 -4.03 -3.82 20.38
CA LEU A 108 -5.10 -3.24 19.58
C LEU A 108 -5.09 -1.70 19.48
N PRO A 109 -4.79 -0.98 20.58
CA PRO A 109 -4.65 0.48 20.48
C PRO A 109 -3.76 0.93 19.31
N LYS A 110 -2.55 0.41 19.23
CA LYS A 110 -1.59 0.81 18.19
C LYS A 110 -1.97 0.29 16.80
N LEU A 111 -2.80 -0.76 16.76
CA LEU A 111 -3.30 -1.28 15.49
C LEU A 111 -4.30 -0.31 14.88
N ILE A 112 -5.17 0.25 15.74
CA ILE A 112 -6.12 1.29 15.35
C ILE A 112 -5.37 2.54 14.89
N ASP A 113 -4.26 2.84 15.55
CA ASP A 113 -3.36 3.92 15.16
C ASP A 113 -2.86 3.71 13.72
N PHE A 114 -2.18 2.58 13.48
CA PHE A 114 -1.72 2.19 12.14
C PHE A 114 -2.81 2.43 11.12
N SER A 115 -3.99 1.87 11.43
CA SER A 115 -5.15 1.93 10.58
C SER A 115 -5.58 3.37 10.29
N ALA A 116 -5.64 4.19 11.34
CA ALA A 116 -6.01 5.60 11.19
C ALA A 116 -4.97 6.40 10.40
N GLN A 117 -3.71 5.98 10.48
CA GLN A 117 -2.62 6.63 9.75
C GLN A 117 -2.74 6.43 8.25
N ILE A 118 -3.18 5.25 7.86
CA ILE A 118 -3.36 4.89 6.44
C ILE A 118 -4.59 5.61 5.87
N ALA A 119 -5.65 5.65 6.65
CA ALA A 119 -6.85 6.42 6.31
C ALA A 119 -6.50 7.89 6.07
N GLU A 120 -5.54 8.41 6.81
CA GLU A 120 -5.03 9.77 6.63
C GLU A 120 -4.31 9.93 5.29
N GLY A 121 -3.39 9.01 4.99
CA GLY A 121 -2.66 9.03 3.72
C GLY A 121 -3.59 8.88 2.53
N MET A 122 -4.56 7.98 2.66
CA MET A 122 -5.58 7.80 1.62
C MET A 122 -6.48 9.02 1.43
N ALA A 123 -6.73 9.77 2.50
CA ALA A 123 -7.60 10.94 2.45
C ALA A 123 -6.94 12.07 1.66
N TYR A 124 -5.61 12.02 1.59
CA TYR A 124 -4.83 12.96 0.80
C TYR A 124 -4.95 12.60 -0.68
N ILE A 125 -4.86 11.29 -0.93
CA ILE A 125 -4.92 10.73 -2.26
C ILE A 125 -6.29 10.99 -2.91
N GLU A 126 -7.36 10.89 -2.12
CA GLU A 126 -8.68 11.23 -2.65
C GLU A 126 -8.90 12.73 -2.78
N ARG A 127 -8.26 13.50 -1.90
CA ARG A 127 -8.32 14.96 -1.94
C ARG A 127 -7.55 15.46 -3.16
N LYS A 128 -6.51 14.73 -3.52
CA LYS A 128 -5.68 15.02 -4.69
C LYS A 128 -6.32 14.48 -6.00
N ASN A 129 -7.47 13.79 -5.86
CA ASN A 129 -8.22 13.18 -6.97
C ASN A 129 -7.55 11.98 -7.65
N TYR A 130 -6.88 11.16 -6.84
CA TYR A 130 -6.17 10.01 -7.34
C TYR A 130 -6.79 8.73 -6.81
N ILE A 131 -6.44 7.62 -7.44
CA ILE A 131 -6.76 6.29 -6.94
C ILE A 131 -5.46 5.50 -6.86
N HIS A 132 -5.38 4.62 -5.87
CA HIS A 132 -4.20 3.79 -5.63
C HIS A 132 -4.31 2.43 -6.34
N ARG A 133 -5.44 1.75 -6.15
CA ARG A 133 -5.78 0.49 -6.82
C ARG A 133 -5.06 -0.76 -6.29
N ASP A 134 -4.07 -0.55 -5.42
CA ASP A 134 -3.25 -1.64 -4.91
C ASP A 134 -3.06 -1.52 -3.39
N LEU A 135 -4.14 -1.18 -2.69
CA LEU A 135 -4.05 -0.85 -1.26
C LEU A 135 -4.17 -2.10 -0.41
N ARG A 136 -3.08 -2.46 0.25
CA ARG A 136 -3.03 -3.63 1.13
C ARG A 136 -1.80 -3.55 2.03
N ALA A 137 -1.76 -4.40 3.06
CA ALA A 137 -0.74 -4.32 4.11
C ALA A 137 0.68 -4.49 3.58
N ALA A 138 0.87 -5.29 2.54
CA ALA A 138 2.20 -5.44 1.92
C ALA A 138 2.66 -4.15 1.25
N ASN A 139 1.72 -3.27 0.90
CA ASN A 139 2.03 -2.02 0.23
C ASN A 139 2.00 -0.80 1.18
N VAL A 140 2.02 -1.09 2.47
CA VAL A 140 2.18 -0.07 3.51
C VAL A 140 3.49 -0.35 4.24
N LEU A 141 4.29 0.69 4.45
CA LEU A 141 5.61 0.53 5.06
C LEU A 141 5.68 1.17 6.45
N VAL A 142 6.55 0.62 7.30
CA VAL A 142 6.64 1.05 8.71
C VAL A 142 8.03 1.60 9.08
N SER A 143 8.05 2.82 9.61
CA SER A 143 9.29 3.45 10.05
C SER A 143 9.71 2.92 11.42
N GLU A 144 10.90 3.31 11.87
CA GLU A 144 11.41 2.98 13.20
C GLU A 144 10.52 3.51 14.33
N SER A 145 9.97 4.71 14.16
CA SER A 145 9.06 5.30 15.14
C SER A 145 7.64 4.71 15.03
N LEU A 146 7.52 3.62 14.27
CA LEU A 146 6.26 2.90 14.02
C LEU A 146 5.18 3.75 13.32
N MET A 147 5.63 4.59 12.39
CA MET A 147 4.75 5.36 11.53
C MET A 147 4.45 4.56 10.28
N CYS A 148 3.20 4.60 9.83
CA CYS A 148 2.82 3.97 8.58
C CYS A 148 2.84 4.94 7.42
N LYS A 149 3.40 4.50 6.30
CA LYS A 149 3.30 5.27 5.06
C LYS A 149 2.89 4.36 3.90
N ILE A 150 2.07 4.90 3.01
CA ILE A 150 1.62 4.20 1.83
C ILE A 150 2.75 4.12 0.81
N ALA A 151 2.94 2.94 0.21
CA ALA A 151 4.00 2.74 -0.77
C ALA A 151 3.44 2.15 -2.06
N ASP A 152 4.31 1.99 -3.05
CA ASP A 152 4.00 1.16 -4.22
C ASP A 152 2.87 1.78 -5.04
N PHE A 153 3.19 2.82 -5.81
CA PHE A 153 2.20 3.50 -6.64
C PHE A 153 2.29 3.02 -8.09
N GLY A 154 2.62 1.75 -8.27
CA GLY A 154 2.69 1.16 -9.60
C GLY A 154 1.35 1.06 -10.33
N LEU A 155 0.26 0.99 -9.56
CA LEU A 155 -1.09 0.87 -10.12
C LEU A 155 -1.92 2.14 -9.94
N ALA A 156 -1.35 3.12 -9.24
CA ALA A 156 -2.04 4.36 -8.92
C ALA A 156 -2.22 5.23 -10.16
N ARG A 157 -3.43 5.73 -10.38
CA ARG A 157 -3.72 6.59 -11.53
C ARG A 157 -4.37 7.89 -11.09
N VAL A 158 -4.31 8.90 -11.96
CA VAL A 158 -5.08 10.13 -11.77
C VAL A 158 -6.45 9.98 -12.46
N ILE A 159 -7.51 9.94 -11.66
CA ILE A 159 -8.86 9.69 -12.16
C ILE A 159 -9.57 11.00 -12.55
N ARG A 167 -1.16 0.26 -17.29
CA ARG A 167 -0.58 -0.93 -16.70
C ARG A 167 0.30 -1.67 -17.69
N GLU A 168 1.60 -1.70 -17.43
CA GLU A 168 2.44 -2.83 -17.81
C GLU A 168 3.31 -3.28 -16.65
N GLY A 169 3.79 -4.53 -16.72
CA GLY A 169 3.46 -5.51 -15.72
C GLY A 169 2.12 -5.25 -15.05
N ALA A 170 1.88 -5.91 -13.93
CA ALA A 170 1.06 -5.35 -12.87
C ALA A 170 -0.24 -6.11 -12.71
N LYS A 171 -0.50 -6.61 -11.51
CA LYS A 171 -1.64 -7.47 -11.27
C LYS A 171 -2.49 -6.88 -10.16
N PHE A 172 -3.74 -6.49 -10.42
CA PHE A 172 -4.53 -6.05 -9.28
C PHE A 172 -4.67 -7.17 -8.24
N PRO A 173 -4.76 -6.79 -6.98
CA PRO A 173 -4.89 -7.76 -5.89
C PRO A 173 -6.34 -8.22 -5.78
N ILE A 174 -6.66 -9.31 -6.47
CA ILE A 174 -8.05 -9.80 -6.56
C ILE A 174 -8.75 -9.76 -5.21
N LYS A 175 -8.13 -10.35 -4.20
CA LYS A 175 -8.74 -10.48 -2.86
C LYS A 175 -8.90 -9.16 -2.12
N TRP A 176 -8.41 -8.06 -2.70
CA TRP A 176 -8.49 -6.73 -2.10
C TRP A 176 -9.33 -5.77 -2.96
N THR A 177 -9.68 -6.22 -4.16
CA THR A 177 -10.32 -5.36 -5.16
C THR A 177 -11.84 -5.40 -5.05
N ALA A 178 -12.48 -4.24 -5.17
CA ALA A 178 -13.93 -4.11 -5.03
C ALA A 178 -14.69 -4.86 -6.14
N PRO A 179 -15.91 -5.35 -5.83
CA PRO A 179 -16.65 -6.16 -6.79
C PRO A 179 -16.94 -5.41 -8.09
N GLU A 180 -17.21 -4.10 -7.99
CA GLU A 180 -17.52 -3.34 -9.21
C GLU A 180 -16.26 -3.05 -10.04
N ALA A 181 -15.09 -3.09 -9.39
CA ALA A 181 -13.83 -2.96 -10.09
C ALA A 181 -13.50 -4.25 -10.86
N ILE A 182 -13.74 -5.40 -10.23
CA ILE A 182 -13.51 -6.70 -10.87
C ILE A 182 -14.46 -6.90 -12.03
N ASN A 183 -15.75 -6.78 -11.76
CA ASN A 183 -16.79 -7.14 -12.72
C ASN A 183 -17.06 -6.12 -13.82
N PHE A 184 -16.75 -4.85 -13.55
CA PHE A 184 -17.05 -3.78 -14.49
C PHE A 184 -15.86 -2.87 -14.81
N GLY A 185 -14.70 -3.20 -14.24
CA GLY A 185 -13.49 -2.42 -14.44
C GLY A 185 -13.59 -1.00 -13.91
N CYS A 186 -14.50 -0.80 -12.96
CA CYS A 186 -14.79 0.52 -12.43
C CYS A 186 -13.95 0.83 -11.18
N PHE A 187 -12.78 1.40 -11.40
CA PHE A 187 -11.91 1.80 -10.29
C PHE A 187 -12.15 3.26 -9.95
N THR A 188 -12.49 3.50 -8.69
CA THR A 188 -12.73 4.84 -8.17
C THR A 188 -12.12 4.89 -6.78
N ILE A 189 -12.19 6.05 -6.13
CA ILE A 189 -11.71 6.13 -4.75
C ILE A 189 -12.54 5.24 -3.82
N LYS A 190 -13.80 4.99 -4.20
CA LYS A 190 -14.67 4.12 -3.43
C LYS A 190 -14.20 2.66 -3.46
N SER A 191 -13.56 2.24 -4.56
CA SER A 191 -13.02 0.88 -4.62
C SER A 191 -11.80 0.74 -3.73
N ASN A 192 -11.02 1.82 -3.60
CA ASN A 192 -9.94 1.90 -2.61
C ASN A 192 -10.45 1.79 -1.18
N VAL A 193 -11.64 2.34 -0.91
CA VAL A 193 -12.29 2.18 0.40
C VAL A 193 -12.61 0.71 0.68
N TRP A 194 -13.06 -0.01 -0.35
CA TRP A 194 -13.22 -1.46 -0.23
C TRP A 194 -11.91 -2.07 0.23
N SER A 195 -10.85 -1.83 -0.54
CA SER A 195 -9.51 -2.33 -0.24
C SER A 195 -9.07 -2.02 1.19
N PHE A 196 -9.37 -0.80 1.65
CA PHE A 196 -9.06 -0.38 3.00
C PHE A 196 -9.70 -1.31 4.04
N GLY A 197 -10.96 -1.65 3.82
CA GLY A 197 -11.68 -2.60 4.67
C GLY A 197 -10.96 -3.94 4.80
N ILE A 198 -10.44 -4.45 3.68
CA ILE A 198 -9.64 -5.68 3.70
C ILE A 198 -8.32 -5.46 4.45
N LEU A 199 -7.73 -4.28 4.26
CA LEU A 199 -6.50 -3.92 4.99
C LEU A 199 -6.72 -3.84 6.52
N LEU A 200 -7.91 -3.44 6.95
CA LEU A 200 -8.31 -3.51 8.35
C LEU A 200 -8.37 -4.95 8.85
N TYR A 201 -8.93 -5.83 8.03
CA TYR A 201 -8.93 -7.26 8.31
C TYR A 201 -7.49 -7.77 8.51
N GLU A 202 -6.57 -7.34 7.64
CA GLU A 202 -5.17 -7.76 7.71
C GLU A 202 -4.52 -7.29 9.01
N ILE A 203 -4.84 -6.07 9.42
CA ILE A 203 -4.28 -5.47 10.64
C ILE A 203 -4.76 -6.22 11.87
N VAL A 204 -6.09 -6.36 11.98
CA VAL A 204 -6.70 -6.93 13.17
C VAL A 204 -6.32 -8.42 13.37
N THR A 205 -5.96 -9.09 12.28
CA THR A 205 -5.64 -10.52 12.35
C THR A 205 -4.14 -10.77 12.35
N TYR A 206 -3.34 -9.70 12.40
CA TYR A 206 -1.89 -9.77 12.30
C TYR A 206 -1.43 -10.46 10.99
N GLY A 207 -1.83 -9.88 9.86
CA GLY A 207 -1.33 -10.28 8.56
C GLY A 207 -1.85 -11.56 7.91
N LYS A 208 -2.99 -12.05 8.39
CA LYS A 208 -3.63 -13.21 7.76
C LYS A 208 -4.07 -12.89 6.35
N ILE A 209 -4.07 -13.89 5.47
CA ILE A 209 -4.55 -13.71 4.11
C ILE A 209 -6.07 -13.53 4.13
N PRO A 210 -6.62 -12.62 3.28
CA PRO A 210 -8.07 -12.55 3.16
C PRO A 210 -8.68 -13.86 2.64
N TYR A 211 -9.89 -14.15 3.11
CA TYR A 211 -10.65 -15.33 2.71
C TYR A 211 -9.83 -16.61 2.86
N PRO A 212 -9.42 -16.94 4.10
CA PRO A 212 -8.55 -18.11 4.29
C PRO A 212 -9.11 -19.35 3.60
N GLY A 213 -8.24 -20.04 2.87
CA GLY A 213 -8.62 -21.29 2.20
C GLY A 213 -9.51 -21.11 0.97
N ARG A 214 -9.67 -19.88 0.51
CA ARG A 214 -10.43 -19.62 -0.71
C ARG A 214 -9.55 -19.14 -1.84
N THR A 215 -9.69 -19.78 -3.00
CA THR A 215 -8.96 -19.40 -4.20
C THR A 215 -9.55 -18.08 -4.72
N ASN A 216 -8.80 -17.36 -5.56
CA ASN A 216 -9.27 -16.10 -6.14
C ASN A 216 -10.61 -16.25 -6.83
N ALA A 217 -10.74 -17.31 -7.62
CA ALA A 217 -11.98 -17.61 -8.34
C ALA A 217 -13.17 -17.80 -7.38
N ASP A 218 -12.95 -18.54 -6.30
CA ASP A 218 -13.96 -18.72 -5.25
C ASP A 218 -14.44 -17.36 -4.76
N VAL A 219 -13.50 -16.45 -4.57
CA VAL A 219 -13.78 -15.12 -4.01
C VAL A 219 -14.68 -14.26 -4.92
N MET A 220 -14.26 -14.04 -6.17
CA MET A 220 -15.07 -13.23 -7.10
C MET A 220 -16.43 -13.87 -7.46
N SER A 221 -16.54 -15.18 -7.29
CA SER A 221 -17.83 -15.87 -7.39
C SER A 221 -18.66 -15.65 -6.13
N ALA A 222 -18.00 -15.76 -4.97
CA ALA A 222 -18.65 -15.58 -3.68
C ALA A 222 -19.18 -14.15 -3.50
N LEU A 223 -18.40 -13.18 -3.97
CA LEU A 223 -18.78 -11.76 -3.87
C LEU A 223 -19.98 -11.42 -4.75
N SER A 224 -20.05 -12.06 -5.93
CA SER A 224 -21.22 -11.90 -6.81
C SER A 224 -22.48 -12.52 -6.20
N GLN A 225 -22.31 -13.23 -5.08
CA GLN A 225 -23.41 -13.83 -4.33
C GLN A 225 -23.60 -13.14 -2.99
N GLY A 226 -22.93 -12.02 -2.80
CA GLY A 226 -23.02 -11.23 -1.58
C GLY A 226 -22.31 -11.83 -0.38
N TYR A 227 -21.13 -12.40 -0.59
CA TYR A 227 -20.33 -12.87 0.52
C TYR A 227 -19.49 -11.73 1.10
N ARG A 228 -19.50 -11.64 2.42
CA ARG A 228 -18.54 -10.81 3.15
C ARG A 228 -17.93 -11.70 4.22
N MET A 229 -16.67 -11.43 4.57
CA MET A 229 -16.01 -12.16 5.63
C MET A 229 -16.73 -11.94 6.95
N PRO A 230 -17.05 -13.02 7.68
CA PRO A 230 -17.75 -12.89 8.96
C PRO A 230 -16.85 -12.24 9.99
N ARG A 231 -17.44 -11.67 11.04
CA ARG A 231 -16.69 -11.03 12.12
C ARG A 231 -15.59 -11.94 12.63
N MET A 232 -14.36 -11.43 12.58
CA MET A 232 -13.16 -12.19 12.93
C MET A 232 -12.89 -12.13 14.43
N GLU A 233 -12.28 -13.20 14.96
CA GLU A 233 -11.96 -13.29 16.38
C GLU A 233 -11.01 -12.18 16.81
N ASN A 234 -11.27 -11.60 18.00
CA ASN A 234 -10.53 -10.44 18.52
C ASN A 234 -10.69 -9.16 17.69
N CYS A 235 -11.88 -8.94 17.17
CA CYS A 235 -12.22 -7.71 16.47
C CYS A 235 -13.49 -7.11 17.05
N PRO A 236 -13.39 -5.92 17.65
CA PRO A 236 -14.51 -5.25 18.32
C PRO A 236 -15.63 -4.87 17.37
N ASP A 237 -16.88 -5.05 17.81
CA ASP A 237 -18.06 -4.68 17.03
C ASP A 237 -17.80 -3.42 16.19
N GLU A 238 -17.30 -2.39 16.85
CA GLU A 238 -17.12 -1.06 16.25
C GLU A 238 -16.16 -1.10 15.09
N LEU A 239 -15.08 -1.85 15.24
CA LEU A 239 -14.10 -2.00 14.17
C LEU A 239 -14.65 -2.82 13.02
N TYR A 240 -15.45 -3.84 13.35
CA TYR A 240 -16.10 -4.66 12.33
C TYR A 240 -17.15 -3.85 11.55
N ASP A 241 -17.79 -2.90 12.23
CA ASP A 241 -18.77 -2.01 11.59
C ASP A 241 -18.10 -1.04 10.62
N ILE A 242 -16.85 -0.68 10.91
CA ILE A 242 -16.03 0.10 9.98
C ILE A 242 -15.74 -0.73 8.72
N MET A 243 -15.36 -2.00 8.91
CA MET A 243 -15.13 -2.90 7.77
C MET A 243 -16.39 -3.05 6.93
N LYS A 244 -17.50 -3.36 7.60
CA LYS A 244 -18.79 -3.59 6.94
C LYS A 244 -19.27 -2.34 6.20
N MET A 245 -18.69 -1.20 6.56
CA MET A 245 -19.03 0.06 5.95
C MET A 245 -18.29 0.20 4.62
N CYS A 246 -17.04 -0.29 4.61
CA CYS A 246 -16.20 -0.29 3.41
C CYS A 246 -16.62 -1.36 2.43
N TRP A 247 -17.37 -2.36 2.90
CA TRP A 247 -17.77 -3.47 2.06
C TRP A 247 -19.23 -3.39 1.61
N LYS A 248 -19.81 -2.20 1.67
CA LYS A 248 -21.15 -1.98 1.15
C LYS A 248 -21.18 -2.24 -0.35
N GLU A 249 -22.25 -2.84 -0.83
CA GLU A 249 -22.38 -3.23 -2.24
C GLU A 249 -22.26 -2.02 -3.17
N LYS A 250 -23.10 -1.02 -2.95
CA LYS A 250 -23.08 0.19 -3.77
C LYS A 250 -21.90 1.08 -3.37
N ALA A 251 -20.98 1.27 -4.31
CA ALA A 251 -19.80 2.12 -4.11
C ALA A 251 -20.13 3.49 -3.51
N GLU A 252 -21.18 4.13 -4.02
CA GLU A 252 -21.63 5.44 -3.54
C GLU A 252 -21.95 5.43 -2.04
N GLU A 253 -22.33 4.27 -1.52
CA GLU A 253 -22.78 4.15 -0.13
C GLU A 253 -21.65 3.85 0.86
N ARG A 254 -20.43 3.81 0.35
CA ARG A 254 -19.24 3.58 1.18
C ARG A 254 -18.68 4.93 1.66
N PRO A 255 -18.14 4.99 2.89
CA PRO A 255 -17.79 6.30 3.42
C PRO A 255 -16.51 6.84 2.79
N THR A 256 -16.28 8.14 2.94
CA THR A 256 -15.05 8.74 2.45
C THR A 256 -13.90 8.38 3.38
N PHE A 257 -12.66 8.55 2.91
CA PHE A 257 -11.48 8.35 3.74
C PHE A 257 -11.34 9.41 4.84
N ASP A 258 -11.84 10.61 4.56
CA ASP A 258 -11.83 11.71 5.54
C ASP A 258 -12.66 11.33 6.77
N TYR A 259 -13.71 10.55 6.54
CA TYR A 259 -14.60 10.05 7.60
C TYR A 259 -13.93 8.94 8.40
N LEU A 260 -13.34 7.98 7.69
CA LEU A 260 -12.62 6.87 8.33
C LEU A 260 -11.50 7.36 9.25
N GLN A 261 -10.73 8.33 8.78
CA GLN A 261 -9.64 8.91 9.58
C GLN A 261 -10.16 9.61 10.83
N SER A 262 -11.36 10.16 10.74
CA SER A 262 -12.01 10.79 11.88
C SER A 262 -12.49 9.72 12.87
N VAL A 263 -13.29 8.78 12.39
CA VAL A 263 -13.95 7.77 13.22
C VAL A 263 -12.95 6.83 13.89
N LEU A 264 -11.89 6.47 13.17
CA LEU A 264 -10.81 5.65 13.72
C LEU A 264 -9.97 6.38 14.76
N ASP A 265 -9.73 7.67 14.53
CA ASP A 265 -8.81 8.44 15.36
C ASP A 265 -9.40 8.66 16.75
N ASP A 266 -10.72 8.80 16.82
CA ASP A 266 -11.40 9.04 18.09
C ASP A 266 -11.92 7.74 18.69
N PHE A 267 -11.14 6.67 18.55
CA PHE A 267 -11.62 5.32 18.82
C PHE A 267 -11.28 4.89 20.25
N TYR A 268 -11.22 5.87 21.15
CA TYR A 268 -10.28 5.82 22.27
C TYR A 268 -9.87 7.21 22.71
PG ANP B . 6.74 -7.51 -4.45
O1G ANP B . 5.42 -8.16 -4.09
O2G ANP B . 7.70 -7.43 -3.28
O3G ANP B . 7.36 -8.07 -5.71
PB ANP B . 7.40 -4.70 -5.62
O1B ANP B . 6.58 -3.53 -6.12
O2B ANP B . 8.28 -5.41 -6.62
N3B ANP B . 6.30 -5.85 -4.87
PA ANP B . 7.84 -3.62 -3.05
O1A ANP B . 7.83 -2.10 -3.10
O2A ANP B . 6.58 -4.35 -2.69
O3A ANP B . 8.38 -4.13 -4.48
O5' ANP B . 9.00 -4.09 -2.02
C5' ANP B . 9.62 -5.38 -2.07
C4' ANP B . 10.28 -5.72 -0.73
O4' ANP B . 11.25 -4.71 -0.37
C3' ANP B . 9.27 -5.79 0.41
O3' ANP B . 9.37 -7.07 1.04
C2' ANP B . 9.62 -4.67 1.37
O2' ANP B . 9.79 -5.16 2.70
C1' ANP B . 10.94 -4.08 0.88
N9 ANP B . 10.84 -2.60 0.74
C8 ANP B . 10.26 -1.94 -0.28
N7 ANP B . 10.33 -0.60 -0.13
C5 ANP B . 10.99 -0.36 1.02
C6 ANP B . 11.42 0.85 1.79
N6 ANP B . 11.15 2.10 1.35
N1 ANP B . 12.09 0.66 2.95
C2 ANP B . 12.36 -0.58 3.42
N3 ANP B . 12.00 -1.72 2.77
C4 ANP B . 11.33 -1.68 1.59
#